data_7YG8
#
_entry.id   7YG8
#
_cell.length_a   1.00
_cell.length_b   1.00
_cell.length_c   1.00
_cell.angle_alpha   90.00
_cell.angle_beta   90.00
_cell.angle_gamma   90.00
#
_symmetry.space_group_name_H-M   'P 1'
#
loop_
_entity.id
_entity.type
_entity.pdbx_description
1 polymer "RNA (5'-R(*UP*CP*G)-3')"
2 polymer "RNA (5'-R(*CP*CP*CP*UP*C)-3')"
3 polymer 'RNA (387-MER)'
4 non-polymer 'MAGNESIUM ION'
#
loop_
_entity_poly.entity_id
_entity_poly.type
_entity_poly.pdbx_seq_one_letter_code
_entity_poly.pdbx_strand_id
1 'polyribonucleotide' UCG A
2 'polyribonucleotide' CCCUCU B
3 'polyribonucleotide'
;GGUUUGGAGGGAAAAGUUAUCAGGCAUGCACCUGGUAGCUAGUCUUUAAACCAAUAGAUUGCAUCGGUUUAAAAGGCAAG
ACCGUCAAAUUGCGGGAAAGGGGUCAACAGCCGUUCAGUACCAAGUCUCAGGGGAAACUUUGAGAUGGCCUUGCAAAGGG
UAUGGUAAUAAGCUGACGGACAUGGUCCUAACCACGCAGCCAAGUCCUAAGUCAACAGAUCUUCUGUUGAUAUGGAUGCA
GUUCACAGACUAAAUGUCGGUCGGGGAAGAUGUAUUCUUCUCAUAAGAUAUAGUCGGACCUCUCCUUAAUGGGAGCUAGC
GGAUGAAGUGAUGCAACACUGGAGCCGCUGGGAACUAAUUUGUAUGCGAAAGUAUAUUGAUUAGUUUUGGAGU
;
N
#
loop_
_chem_comp.id
_chem_comp.type
_chem_comp.name
_chem_comp.formula
A RNA linking ADENOSINE-5'-MONOPHOSPHATE 'C10 H14 N5 O7 P'
C RNA linking CYTIDINE-5'-MONOPHOSPHATE 'C9 H14 N3 O8 P'
G RNA linking GUANOSINE-5'-MONOPHOSPHATE 'C10 H14 N5 O8 P'
MG non-polymer 'MAGNESIUM ION' 'Mg 2'
U RNA linking URIDINE-5'-MONOPHOSPHATE 'C9 H13 N2 O9 P'
#
# COMPACT_ATOMS: atom_id res chain seq x y z
MG MG D . 3.69 -5.07 -1.39
MG MG E . -2.90 -4.47 -7.17
MG MG F . 0.67 0.77 6.66
MG MG G . 0.52 5.06 3.42
MG MG H . -1.98 3.71 -1.52
#